data_5EZI
#
_entry.id   5EZI
#
_cell.length_a   82.700
_cell.length_b   82.700
_cell.length_c   361.880
_cell.angle_alpha   90.00
_cell.angle_beta   90.00
_cell.angle_gamma   120.00
#
_symmetry.space_group_name_H-M   'P 65 2 2'
#
loop_
_entity.id
_entity.type
_entity.pdbx_description
1 polymer 'Fab c12 heavy chain'
2 polymer 'Fab c12 Light chain'
3 branched beta-D-galactopyranose-(1-4)-2-acetamido-2-deoxy-beta-D-glucopyranose-(1-2)-alpha-D-mannopyranose-(1-3)-[2-acetamido-2-deoxy-beta-D-glucopyranose-(1-2)-alpha-D-mannopyranose-(1-6)]beta-D-mannopyranose-(1-4)-2-acetamido-2-deoxy-beta-D-glucopyranose-(1-4)-[alpha-L-fucopyranose-(1-6)]2-acetamido-2-deoxy-beta-D-glucopyranose
4 non-polymer 'CHLORIDE ION'
5 water water
#
loop_
_entity_poly.entity_id
_entity_poly.type
_entity_poly.pdbx_seq_one_letter_code
_entity_poly.pdbx_strand_id
1 'polypeptide(L)'
;NVNLLESGGGLVQPGGSLNLSCAASGFDFSRYWMSWARQAPGKGQEWIGEINPGSSTIKYTPSLKDKFIISRDNAKNTLY
LQMSKVSSEDTALYYCARYGSYVYAMDYWGPGTSVTVSSAKTTAPSVYPLAPVCGDTTGSSVTLGCLVKGYFPEPVTLTW
NSGSLSSGVHTFPAVLQSDLYTLSSSVTVTSSTWPSQSITCNVAHPASSTKVDKKIEPRGPT
;
H
2 'polypeptide(L)'
;SIVMTQTPKFLLVSAGDRITITCKASQSVRNDVAWYQQKPGQSPKLLIYFASNRYTGVPDRFTGSGSGTDFTFTISTVQA
EDLAVYFCQQGYTSPRTFGGGTKLEIKRADAAPTVSIFPPSSEQLTSGGASVVCFLNNFYPKDINVKWKIDGSERQNGVL
NSWTDQDSKDSTYSMSSTLTLTKDEYERHNSYTCEATHKTSTSPIVKSFNRNEC
;
L
#
loop_
_chem_comp.id
_chem_comp.type
_chem_comp.name
_chem_comp.formula
BMA D-saccharide, beta linking beta-D-mannopyranose 'C6 H12 O6'
CL non-polymer 'CHLORIDE ION' 'Cl -1'
FUC L-saccharide, alpha linking alpha-L-fucopyranose 'C6 H12 O5'
GAL D-saccharide, beta linking beta-D-galactopyranose 'C6 H12 O6'
MAN D-saccharide, alpha linking alpha-D-mannopyranose 'C6 H12 O6'
NAG D-saccharide, beta linking 2-acetamido-2-deoxy-beta-D-glucopyranose 'C8 H15 N O6'
#
# COMPACT_ATOMS: atom_id res chain seq x y z
N ASN A 1 15.77 -10.12 20.39
CA ASN A 1 15.39 -9.26 19.27
C ASN A 1 14.19 -9.84 18.53
N VAL A 2 13.00 -9.30 18.81
CA VAL A 2 11.76 -9.99 18.50
C VAL A 2 11.49 -9.97 17.00
N ASN A 3 11.13 -11.13 16.46
CA ASN A 3 10.84 -11.26 15.04
C ASN A 3 9.67 -12.22 14.85
N LEU A 4 8.75 -11.85 13.98
CA LEU A 4 7.69 -12.72 13.48
C LEU A 4 7.73 -12.66 11.97
N LEU A 5 7.48 -13.78 11.31
CA LEU A 5 7.49 -13.79 9.85
C LEU A 5 6.43 -14.76 9.35
N GLU A 6 5.37 -14.24 8.77
CA GLU A 6 4.30 -15.06 8.21
C GLU A 6 4.66 -15.60 6.83
N SER A 7 4.18 -16.81 6.54
CA SER A 7 4.35 -17.37 5.21
C SER A 7 3.14 -18.25 4.90
N GLY A 8 3.10 -18.73 3.66
CA GLY A 8 2.06 -19.62 3.20
C GLY A 8 0.96 -18.96 2.39
N GLY A 9 0.93 -17.63 2.31
CA GLY A 9 -0.12 -16.95 1.57
C GLY A 9 -0.01 -17.15 0.06
N GLY A 10 -1.03 -16.65 -0.64
CA GLY A 10 -1.08 -16.72 -2.09
C GLY A 10 -2.51 -16.85 -2.59
N LEU A 11 -2.64 -17.24 -3.86
CA LEU A 11 -3.95 -17.41 -4.48
C LEU A 11 -4.59 -18.73 -4.05
N VAL A 12 -5.87 -18.68 -3.69
CA VAL A 12 -6.64 -19.87 -3.35
C VAL A 12 -8.02 -19.73 -3.97
N GLN A 13 -8.53 -20.81 -4.56
CA GLN A 13 -9.83 -20.76 -5.19
C GLN A 13 -10.93 -20.66 -4.13
N PRO A 14 -12.03 -19.99 -4.46
CA PRO A 14 -13.16 -19.93 -3.51
C PRO A 14 -13.59 -21.32 -3.06
N GLY A 15 -13.83 -21.45 -1.76
CA GLY A 15 -14.16 -22.73 -1.17
C GLY A 15 -12.98 -23.61 -0.83
N GLY A 16 -11.76 -23.17 -1.14
CA GLY A 16 -10.57 -23.97 -0.89
C GLY A 16 -10.01 -23.76 0.50
N SER A 17 -8.81 -24.30 0.72
CA SER A 17 -8.18 -24.31 2.02
C SER A 17 -6.71 -23.92 1.89
N LEU A 18 -6.21 -23.23 2.90
CA LEU A 18 -4.86 -22.71 2.92
C LEU A 18 -4.39 -22.64 4.37
N ASN A 19 -3.16 -23.08 4.64
CA ASN A 19 -2.56 -22.96 5.96
C ASN A 19 -1.47 -21.89 5.95
N LEU A 20 -1.57 -20.95 6.87
CA LEU A 20 -0.55 -19.93 7.08
C LEU A 20 0.31 -20.32 8.28
N SER A 21 1.59 -19.97 8.20
CA SER A 21 2.52 -20.17 9.29
C SER A 21 3.08 -18.83 9.73
N CYS A 22 3.50 -18.76 10.98
CA CYS A 22 4.12 -17.57 11.57
C CYS A 22 5.32 -18.03 12.37
N ALA A 23 6.52 -17.79 11.85
CA ALA A 23 7.76 -18.16 12.51
C ALA A 23 8.17 -17.08 13.52
N ALA A 24 8.49 -17.50 14.74
CA ALA A 24 8.82 -16.56 15.81
C ALA A 24 10.25 -16.77 16.28
N SER A 25 10.93 -15.67 16.63
CA SER A 25 12.26 -15.77 17.21
C SER A 25 12.51 -14.56 18.09
N GLY A 26 13.53 -14.67 18.94
CA GLY A 26 13.93 -13.54 19.75
C GLY A 26 13.20 -13.39 21.06
N PHE A 27 12.33 -14.34 21.40
CA PHE A 27 11.66 -14.33 22.70
C PHE A 27 11.23 -15.75 23.00
N ASP A 28 10.87 -15.99 24.27
CA ASP A 28 10.42 -17.32 24.68
C ASP A 28 8.98 -17.51 24.22
N PHE A 29 8.83 -18.08 23.01
CA PHE A 29 7.52 -18.26 22.38
C PHE A 29 6.54 -18.99 23.29
N SER A 30 7.03 -19.99 24.03
CA SER A 30 6.14 -20.83 24.83
C SER A 30 5.49 -20.08 25.99
N ARG A 31 5.90 -18.85 26.27
CA ARG A 31 5.37 -18.09 27.39
C ARG A 31 4.37 -17.02 26.99
N TYR A 32 4.08 -16.85 25.70
CA TYR A 32 3.26 -15.74 25.23
C TYR A 32 1.97 -16.21 24.56
N TRP A 33 0.90 -15.45 24.78
CA TRP A 33 -0.28 -15.55 23.96
C TRP A 33 0.04 -15.04 22.55
N MET A 34 -0.58 -15.65 21.55
CA MET A 34 -0.40 -15.24 20.15
C MET A 34 -1.76 -14.99 19.50
N SER A 35 -1.76 -14.25 18.39
CA SER A 35 -3.01 -13.88 17.76
C SER A 35 -2.84 -13.70 16.26
N TRP A 36 -3.96 -13.67 15.56
CA TRP A 36 -4.00 -13.37 14.14
C TRP A 36 -4.95 -12.20 13.90
N ALA A 37 -4.62 -11.38 12.89
CA ALA A 37 -5.49 -10.31 12.43
C ALA A 37 -5.34 -10.19 10.92
N ARG A 38 -6.25 -9.45 10.30
CA ARG A 38 -6.16 -9.28 8.85
C ARG A 38 -6.67 -7.92 8.44
N GLN A 39 -6.16 -7.43 7.31
CA GLN A 39 -6.61 -6.16 6.76
C GLN A 39 -6.98 -6.39 5.29
N ALA A 40 -8.27 -6.34 5.01
CA ALA A 40 -8.75 -6.48 3.64
C ALA A 40 -8.53 -5.17 2.89
N PRO A 41 -8.45 -5.23 1.56
CA PRO A 41 -8.26 -4.01 0.77
C PRO A 41 -9.26 -2.92 1.14
N GLY A 42 -8.74 -1.74 1.43
CA GLY A 42 -9.57 -0.59 1.75
C GLY A 42 -10.24 -0.61 3.11
N LYS A 43 -10.08 -1.66 3.90
CA LYS A 43 -10.76 -1.76 5.19
C LYS A 43 -9.76 -1.61 6.33
N GLY A 44 -10.31 -1.48 7.54
CA GLY A 44 -9.49 -1.43 8.73
C GLY A 44 -9.02 -2.81 9.13
N GLN A 45 -8.27 -2.85 10.23
CA GLN A 45 -7.84 -4.13 10.77
C GLN A 45 -9.02 -4.89 11.38
N GLU A 46 -8.95 -6.21 11.29
CA GLU A 46 -9.96 -7.11 11.85
C GLU A 46 -9.27 -8.21 12.66
N TRP A 47 -9.65 -8.32 13.95
CA TRP A 47 -9.09 -9.35 14.82
C TRP A 47 -9.69 -10.70 14.48
N ILE A 48 -8.84 -11.71 14.31
CA ILE A 48 -9.30 -13.05 13.94
C ILE A 48 -9.46 -13.94 15.16
N GLY A 49 -8.43 -14.04 16.00
CA GLY A 49 -8.51 -14.91 17.16
C GLY A 49 -7.20 -14.90 17.92
N GLU A 50 -7.18 -15.69 19.00
CA GLU A 50 -6.05 -15.72 19.92
C GLU A 50 -5.89 -17.14 20.47
N ILE A 51 -4.69 -17.44 20.94
CA ILE A 51 -4.39 -18.73 21.54
C ILE A 51 -3.42 -18.52 22.69
N ASN A 52 -3.68 -19.19 23.81
CA ASN A 52 -2.83 -19.04 24.98
C ASN A 52 -1.63 -19.97 24.87
N PRO A 53 -0.62 -19.82 25.75
CA PRO A 53 0.61 -20.62 25.59
C PRO A 53 0.39 -22.12 25.51
N GLY A 54 -0.51 -22.67 26.33
CA GLY A 54 -0.73 -24.10 26.34
C GLY A 54 -1.80 -24.62 25.41
N SER A 55 -2.36 -23.78 24.54
CA SER A 55 -3.40 -24.15 23.58
C SER A 55 -4.68 -24.65 24.27
N SER A 56 -4.85 -24.35 25.55
CA SER A 56 -6.07 -24.73 26.25
C SER A 56 -7.17 -23.68 26.10
N THR A 57 -6.83 -22.48 25.62
CA THR A 57 -7.79 -21.44 25.32
C THR A 57 -7.55 -20.94 23.92
N ILE A 58 -8.54 -21.08 23.05
CA ILE A 58 -8.50 -20.57 21.67
C ILE A 58 -9.82 -19.87 21.41
N LYS A 59 -9.77 -18.61 20.98
CA LYS A 59 -10.98 -17.84 20.76
C LYS A 59 -10.92 -17.21 19.38
N TYR A 60 -12.10 -17.00 18.80
CA TYR A 60 -12.24 -16.49 17.45
C TYR A 60 -13.32 -15.42 17.41
N THR A 61 -13.26 -14.57 16.38
CA THR A 61 -14.41 -13.75 16.04
CA THR A 61 -14.42 -13.75 16.08
C THR A 61 -15.52 -14.66 15.54
N PRO A 62 -16.75 -14.51 16.02
CA PRO A 62 -17.82 -15.47 15.66
C PRO A 62 -17.97 -15.74 14.17
N SER A 63 -17.88 -14.73 13.31
CA SER A 63 -18.06 -14.94 11.88
C SER A 63 -17.02 -15.90 11.28
N LEU A 64 -15.89 -16.09 11.96
CA LEU A 64 -14.82 -16.93 11.46
C LEU A 64 -14.65 -18.22 12.24
N LYS A 65 -15.41 -18.43 13.30
CA LYS A 65 -15.15 -19.54 14.22
C LYS A 65 -15.39 -20.90 13.58
N ASP A 66 -16.03 -20.97 12.41
CA ASP A 66 -16.27 -22.24 11.74
C ASP A 66 -15.46 -22.42 10.46
N LYS A 67 -14.73 -21.38 10.04
CA LYS A 67 -13.86 -21.44 8.87
C LYS A 67 -12.40 -21.60 9.23
N PHE A 68 -11.95 -20.95 10.30
CA PHE A 68 -10.55 -20.83 10.65
C PHE A 68 -10.26 -21.63 11.92
N ILE A 69 -9.05 -22.20 11.98
CA ILE A 69 -8.57 -22.89 13.17
C ILE A 69 -7.18 -22.35 13.48
N ILE A 70 -6.95 -21.97 14.73
CA ILE A 70 -5.65 -21.50 15.19
C ILE A 70 -4.98 -22.62 15.97
N SER A 71 -3.67 -22.77 15.79
CA SER A 71 -2.89 -23.75 16.53
C SER A 71 -1.47 -23.22 16.65
N ARG A 72 -0.68 -23.87 17.49
CA ARG A 72 0.70 -23.45 17.70
C ARG A 72 1.55 -24.67 18.06
N ASP A 73 2.85 -24.56 17.77
CA ASP A 73 3.82 -25.61 18.05
C ASP A 73 4.96 -24.98 18.85
N ASN A 74 4.88 -25.06 20.18
CA ASN A 74 5.90 -24.39 21.01
C ASN A 74 7.29 -24.98 20.79
N ALA A 75 7.37 -26.28 20.49
CA ALA A 75 8.66 -26.89 20.23
C ALA A 75 9.31 -26.31 18.98
N LYS A 76 8.51 -25.88 18.01
CA LYS A 76 9.04 -25.32 16.76
C LYS A 76 8.86 -23.81 16.64
N ASN A 77 8.37 -23.14 17.69
CA ASN A 77 8.24 -21.68 17.70
C ASN A 77 7.42 -21.15 16.53
N THR A 78 6.33 -21.86 16.21
CA THR A 78 5.54 -21.52 15.04
C THR A 78 4.07 -21.42 15.45
N LEU A 79 3.39 -20.41 14.92
CA LEU A 79 1.95 -20.24 15.04
C LEU A 79 1.32 -20.51 13.69
N TYR A 80 0.12 -21.08 13.68
CA TYR A 80 -0.54 -21.47 12.44
C TYR A 80 -1.96 -20.94 12.36
N LEU A 81 -2.41 -20.68 11.12
CA LEU A 81 -3.81 -20.36 10.85
C LEU A 81 -4.28 -21.26 9.72
N GLN A 82 -5.25 -22.14 10.03
CA GLN A 82 -5.83 -23.04 9.04
C GLN A 82 -7.09 -22.38 8.48
N MET A 83 -7.04 -21.97 7.21
CA MET A 83 -8.19 -21.36 6.56
C MET A 83 -8.90 -22.42 5.72
N SER A 84 -10.22 -22.43 5.79
CA SER A 84 -11.00 -23.35 4.98
C SER A 84 -12.27 -22.65 4.54
N LYS A 85 -12.92 -23.22 3.52
CA LYS A 85 -14.16 -22.70 2.95
C LYS A 85 -14.04 -21.20 2.66
N VAL A 86 -12.93 -20.79 2.06
CA VAL A 86 -12.65 -19.36 1.94
C VAL A 86 -13.55 -18.74 0.87
N SER A 87 -13.77 -17.43 1.00
CA SER A 87 -14.57 -16.66 0.06
C SER A 87 -13.88 -15.34 -0.19
N SER A 88 -14.49 -14.53 -1.07
CA SER A 88 -13.83 -13.31 -1.52
C SER A 88 -13.54 -12.35 -0.36
N GLU A 89 -14.38 -12.35 0.67
CA GLU A 89 -14.13 -11.48 1.81
C GLU A 89 -12.97 -11.95 2.67
N ASP A 90 -12.37 -13.09 2.38
CA ASP A 90 -11.16 -13.51 3.08
C ASP A 90 -9.91 -13.03 2.37
N THR A 91 -10.03 -12.40 1.21
CA THR A 91 -8.89 -11.76 0.59
C THR A 91 -8.40 -10.63 1.49
N ALA A 92 -7.13 -10.71 1.90
CA ALA A 92 -6.58 -9.75 2.85
C ALA A 92 -5.08 -10.01 3.05
N LEU A 93 -4.43 -9.05 3.70
CA LEU A 93 -3.12 -9.26 4.29
C LEU A 93 -3.33 -9.82 5.69
N TYR A 94 -2.73 -10.97 5.99
CA TYR A 94 -2.90 -11.65 7.26
C TYR A 94 -1.67 -11.43 8.13
N TYR A 95 -1.90 -11.00 9.37
CA TYR A 95 -0.83 -10.69 10.31
C TYR A 95 -0.88 -11.62 11.51
N CYS A 96 0.29 -12.07 11.92
CA CYS A 96 0.39 -12.69 13.22
CA CYS A 96 0.48 -12.72 13.20
C CYS A 96 0.96 -11.67 14.22
N ALA A 97 0.54 -11.81 15.47
CA ALA A 97 0.93 -10.79 16.44
C ALA A 97 1.09 -11.42 17.82
N ARG A 98 2.13 -10.99 18.53
CA ARG A 98 2.34 -11.37 19.93
C ARG A 98 1.52 -10.50 20.86
N TYR A 99 0.98 -11.08 21.93
CA TYR A 99 0.42 -10.29 23.00
C TYR A 99 1.53 -9.92 23.97
N GLY A 100 1.50 -8.68 24.47
CA GLY A 100 2.41 -8.32 25.54
C GLY A 100 2.23 -9.20 26.76
N SER A 101 3.27 -9.24 27.59
CA SER A 101 3.22 -10.05 28.82
C SER A 101 2.07 -9.59 29.71
N TYR A 102 1.11 -10.50 29.95
CA TYR A 102 0.00 -10.29 30.90
C TYR A 102 -0.92 -9.14 30.48
N VAL A 103 -1.04 -8.91 29.18
CA VAL A 103 -1.98 -7.94 28.64
C VAL A 103 -2.53 -8.51 27.33
N TYR A 104 -3.77 -8.16 27.00
CA TYR A 104 -4.39 -8.57 25.74
C TYR A 104 -4.18 -7.54 24.65
N ALA A 105 -3.01 -6.90 24.64
CA ALA A 105 -2.65 -5.92 23.62
C ALA A 105 -1.59 -6.54 22.72
N MET A 106 -1.60 -6.18 21.45
CA MET A 106 -0.74 -6.84 20.46
C MET A 106 0.53 -6.01 20.33
N ASP A 107 1.60 -6.43 21.00
CA ASP A 107 2.78 -5.57 21.11
C ASP A 107 3.82 -5.82 20.02
N TYR A 108 3.65 -6.86 19.21
CA TYR A 108 4.51 -7.03 18.03
C TYR A 108 3.74 -7.70 16.91
N TRP A 109 3.75 -7.08 15.73
CA TRP A 109 3.06 -7.58 14.54
C TRP A 109 4.06 -7.96 13.46
N GLY A 110 3.83 -9.10 12.82
CA GLY A 110 4.64 -9.51 11.70
C GLY A 110 4.40 -8.65 10.46
N PRO A 111 5.23 -8.83 9.43
CA PRO A 111 5.06 -8.06 8.19
C PRO A 111 3.81 -8.39 7.41
N GLY A 112 3.24 -9.57 7.61
CA GLY A 112 2.02 -9.96 6.92
C GLY A 112 2.29 -10.88 5.73
N THR A 113 1.29 -11.68 5.39
CA THR A 113 1.33 -12.52 4.20
C THR A 113 0.01 -12.35 3.46
N SER A 114 0.11 -12.19 2.14
CA SER A 114 -1.03 -11.83 1.32
C SER A 114 -1.79 -13.07 0.88
N VAL A 115 -3.12 -13.05 1.01
CA VAL A 115 -3.98 -14.12 0.52
C VAL A 115 -4.99 -13.51 -0.43
N THR A 116 -5.16 -14.13 -1.60
CA THR A 116 -6.15 -13.72 -2.58
C THR A 116 -7.10 -14.89 -2.84
N VAL A 117 -8.39 -14.67 -2.64
CA VAL A 117 -9.40 -15.68 -2.92
C VAL A 117 -10.09 -15.31 -4.23
N SER A 118 -9.83 -16.09 -5.27
CA SER A 118 -10.34 -15.75 -6.59
C SER A 118 -10.25 -16.97 -7.51
N SER A 119 -11.15 -17.02 -8.49
CA SER A 119 -11.08 -18.04 -9.53
C SER A 119 -10.44 -17.51 -10.81
N ALA A 120 -9.94 -16.29 -10.81
CA ALA A 120 -9.18 -15.79 -11.96
C ALA A 120 -7.85 -16.52 -12.06
N LYS A 121 -7.37 -16.70 -13.29
CA LYS A 121 -6.19 -17.52 -13.54
C LYS A 121 -4.90 -16.76 -13.25
N THR A 122 -3.92 -17.47 -12.69
CA THR A 122 -2.57 -16.94 -12.56
C THR A 122 -2.00 -16.60 -13.93
N THR A 123 -1.49 -15.38 -14.07
CA THR A 123 -0.96 -14.88 -15.34
C THR A 123 0.33 -14.10 -15.09
N ALA A 124 1.36 -14.37 -15.94
CA ALA A 124 2.65 -13.71 -15.79
C ALA A 124 2.60 -12.27 -16.32
N PRO A 125 3.40 -11.38 -15.75
CA PRO A 125 3.42 -9.99 -16.21
C PRO A 125 4.24 -9.81 -17.48
N SER A 126 3.91 -8.76 -18.21
CA SER A 126 4.78 -8.19 -19.23
C SER A 126 5.41 -6.93 -18.66
N VAL A 127 6.70 -6.75 -18.90
CA VAL A 127 7.45 -5.65 -18.28
C VAL A 127 7.99 -4.75 -19.40
N TYR A 128 7.61 -3.48 -19.36
CA TYR A 128 7.92 -2.55 -20.46
C TYR A 128 8.78 -1.39 -19.98
N PRO A 129 9.95 -1.15 -20.57
CA PRO A 129 10.76 0.01 -20.19
C PRO A 129 10.21 1.31 -20.79
N LEU A 130 10.24 2.37 -20.00
CA LEU A 130 9.72 3.68 -20.42
C LEU A 130 10.83 4.71 -20.42
N ALA A 131 11.16 5.26 -21.61
CA ALA A 131 12.16 6.31 -21.73
C ALA A 131 11.59 7.48 -22.52
N PRO A 132 12.04 8.70 -22.26
CA PRO A 132 11.47 9.86 -22.95
C PRO A 132 11.88 9.93 -24.41
N VAL A 133 11.07 10.62 -25.20
CA VAL A 133 11.43 10.91 -26.59
C VAL A 133 11.71 12.41 -26.72
N CYS A 134 12.37 12.75 -27.82
CA CYS A 134 12.58 14.14 -28.25
C CYS A 134 13.43 14.96 -27.27
N GLY A 135 14.13 14.30 -26.36
CA GLY A 135 14.92 15.01 -25.38
C GLY A 135 14.13 15.63 -24.25
N ASP A 136 12.97 15.06 -23.90
CA ASP A 136 12.12 15.62 -22.85
C ASP A 136 12.81 15.50 -21.49
N THR A 137 12.96 16.63 -20.83
CA THR A 137 13.56 16.70 -19.50
C THR A 137 12.79 17.70 -18.66
N THR A 138 12.85 17.51 -17.35
CA THR A 138 12.34 18.49 -16.38
C THR A 138 13.57 19.15 -15.74
N GLY A 139 14.02 20.24 -16.34
CA GLY A 139 15.14 20.98 -15.78
C GLY A 139 16.43 20.20 -15.87
N SER A 140 17.02 19.91 -14.70
CA SER A 140 18.31 19.24 -14.61
C SER A 140 18.19 17.74 -14.43
N SER A 141 16.98 17.19 -14.37
CA SER A 141 16.80 15.77 -14.15
C SER A 141 15.96 15.17 -15.27
N VAL A 142 16.05 13.84 -15.38
CA VAL A 142 15.25 13.06 -16.31
C VAL A 142 14.46 12.04 -15.50
N THR A 143 13.29 11.67 -16.01
CA THR A 143 12.44 10.68 -15.36
C THR A 143 12.26 9.52 -16.32
N LEU A 144 12.54 8.32 -15.81
CA LEU A 144 12.33 7.07 -16.54
C LEU A 144 11.24 6.29 -15.83
N GLY A 145 10.75 5.25 -16.50
CA GLY A 145 9.70 4.46 -15.88
C GLY A 145 9.70 3.01 -16.26
N CYS A 146 8.86 2.25 -15.58
CA CYS A 146 8.69 0.82 -15.82
C CYS A 146 7.21 0.49 -15.69
N LEU A 147 6.67 -0.19 -16.69
CA LEU A 147 5.24 -0.51 -16.75
C LEU A 147 5.07 -2.02 -16.70
N VAL A 148 4.30 -2.50 -15.73
CA VAL A 148 4.08 -3.93 -15.51
C VAL A 148 2.61 -4.21 -15.72
N LYS A 149 2.28 -5.07 -16.69
CA LYS A 149 0.90 -5.20 -17.14
C LYS A 149 0.52 -6.67 -17.27
N GLY A 150 -0.77 -6.93 -17.09
CA GLY A 150 -1.36 -8.20 -17.47
C GLY A 150 -1.11 -9.36 -16.53
N TYR A 151 -0.90 -9.11 -15.24
CA TYR A 151 -0.58 -10.21 -14.33
C TYR A 151 -1.66 -10.43 -13.29
N PHE A 152 -1.60 -11.59 -12.66
CA PHE A 152 -2.49 -11.98 -11.57
C PHE A 152 -1.93 -13.23 -10.87
N PRO A 153 -2.01 -13.27 -9.53
CA PRO A 153 -2.52 -12.26 -8.61
C PRO A 153 -1.41 -11.30 -8.17
N GLU A 154 -1.75 -10.38 -7.28
CA GLU A 154 -0.73 -9.63 -6.54
C GLU A 154 -0.07 -10.63 -5.57
N PRO A 155 1.19 -10.35 -5.14
CA PRO A 155 1.97 -9.15 -5.43
C PRO A 155 3.09 -9.29 -6.45
N VAL A 156 3.37 -8.19 -7.12
CA VAL A 156 4.60 -7.99 -7.87
C VAL A 156 5.54 -7.14 -7.02
N THR A 157 6.82 -7.46 -7.03
CA THR A 157 7.85 -6.64 -6.41
C THR A 157 8.69 -5.98 -7.49
N LEU A 158 8.77 -4.66 -7.45
CA LEU A 158 9.55 -3.88 -8.42
C LEU A 158 10.65 -3.15 -7.69
N THR A 159 11.87 -3.25 -8.19
CA THR A 159 12.98 -2.46 -7.70
C THR A 159 13.72 -1.84 -8.88
N TRP A 160 14.68 -0.98 -8.55
CA TRP A 160 15.52 -0.32 -9.54
C TRP A 160 16.98 -0.59 -9.18
N ASN A 161 17.77 -1.03 -10.17
CA ASN A 161 19.16 -1.41 -9.94
C ASN A 161 19.29 -2.33 -8.73
N SER A 162 18.38 -3.32 -8.67
CA SER A 162 18.36 -4.35 -7.62
C SER A 162 18.22 -3.75 -6.23
N GLY A 163 17.59 -2.57 -6.15
CA GLY A 163 17.39 -1.88 -4.89
C GLY A 163 18.43 -0.83 -4.58
N SER A 164 19.54 -0.78 -5.33
CA SER A 164 20.56 0.24 -5.09
C SER A 164 20.01 1.64 -5.30
N LEU A 165 19.04 1.78 -6.20
CA LEU A 165 18.42 3.04 -6.52
C LEU A 165 17.04 3.09 -5.86
N SER A 166 16.92 3.89 -4.79
CA SER A 166 15.65 4.00 -4.06
C SER A 166 15.21 5.45 -3.94
N SER A 167 16.16 6.38 -4.00
CA SER A 167 15.81 7.80 -4.00
C SER A 167 15.18 8.19 -5.33
N GLY A 168 14.19 9.08 -5.27
CA GLY A 168 13.57 9.57 -6.50
C GLY A 168 12.67 8.56 -7.17
N VAL A 169 12.22 7.55 -6.43
CA VAL A 169 11.38 6.48 -6.96
C VAL A 169 9.95 6.67 -6.44
N HIS A 170 9.00 6.52 -7.35
CA HIS A 170 7.60 6.40 -6.99
C HIS A 170 7.08 5.09 -7.58
N THR A 171 6.68 4.17 -6.72
CA THR A 171 6.09 2.92 -7.20
C THR A 171 4.61 2.94 -6.83
N PHE A 172 3.75 2.80 -7.82
CA PHE A 172 2.34 3.06 -7.60
C PHE A 172 1.58 1.79 -7.25
N PRO A 173 0.53 1.90 -6.44
CA PRO A 173 -0.27 0.72 -6.12
C PRO A 173 -0.82 0.06 -7.38
N ALA A 174 -0.79 -1.26 -7.38
CA ALA A 174 -1.37 -2.03 -8.48
C ALA A 174 -2.85 -1.76 -8.60
N VAL A 175 -3.34 -1.70 -9.83
CA VAL A 175 -4.76 -1.47 -10.10
C VAL A 175 -5.30 -2.65 -10.91
N LEU A 176 -6.45 -3.18 -10.49
CA LEU A 176 -7.06 -4.35 -11.11
C LEU A 176 -8.08 -3.92 -12.15
N GLN A 177 -7.99 -4.51 -13.35
CA GLN A 177 -9.03 -4.34 -14.37
C GLN A 177 -9.23 -5.67 -15.09
N SER A 178 -10.48 -6.15 -15.12
CA SER A 178 -10.84 -7.41 -15.78
C SER A 178 -9.88 -8.53 -15.41
N ASP A 179 -9.64 -8.69 -14.11
CA ASP A 179 -8.86 -9.80 -13.54
C ASP A 179 -7.38 -9.75 -13.88
N LEU A 180 -6.86 -8.60 -14.32
CA LEU A 180 -5.43 -8.44 -14.54
C LEU A 180 -4.96 -7.12 -13.93
N TYR A 181 -3.77 -7.15 -13.34
CA TYR A 181 -3.21 -5.97 -12.68
C TYR A 181 -2.29 -5.17 -13.59
N THR A 182 -2.30 -3.86 -13.39
CA THR A 182 -1.30 -2.94 -13.93
C THR A 182 -0.58 -2.30 -12.77
N LEU A 183 0.74 -2.25 -12.85
CA LEU A 183 1.56 -1.53 -11.88
C LEU A 183 2.60 -0.72 -12.65
N SER A 184 2.99 0.42 -12.10
CA SER A 184 4.01 1.24 -12.74
C SER A 184 4.90 1.87 -11.67
N SER A 185 6.07 2.31 -12.10
CA SER A 185 7.03 2.96 -11.21
C SER A 185 7.82 3.97 -12.03
N SER A 186 8.12 5.11 -11.43
CA SER A 186 8.96 6.12 -12.06
C SER A 186 10.21 6.34 -11.21
N VAL A 187 11.30 6.69 -11.86
CA VAL A 187 12.54 7.03 -11.15
C VAL A 187 13.10 8.29 -11.78
N THR A 188 13.50 9.24 -10.95
CA THR A 188 14.02 10.53 -11.42
C THR A 188 15.46 10.67 -10.97
N VAL A 189 16.36 10.86 -11.94
CA VAL A 189 17.78 11.02 -11.68
C VAL A 189 18.25 12.27 -12.41
N THR A 190 19.42 12.74 -12.02
CA THR A 190 19.99 13.91 -12.68
C THR A 190 20.40 13.59 -14.11
N SER A 191 20.29 14.61 -14.98
CA SER A 191 20.57 14.42 -16.41
C SER A 191 21.97 13.86 -16.65
N SER A 192 22.94 14.22 -15.81
CA SER A 192 24.29 13.70 -15.96
C SER A 192 24.33 12.19 -15.74
N THR A 193 23.59 11.71 -14.74
CA THR A 193 23.61 10.30 -14.36
C THR A 193 23.37 9.37 -15.54
N TRP A 194 22.29 9.61 -16.28
CA TRP A 194 21.80 8.66 -17.26
C TRP A 194 21.92 9.24 -18.67
N PRO A 195 22.31 8.41 -19.66
CA PRO A 195 22.49 6.96 -19.57
C PRO A 195 23.88 6.45 -19.21
N SER A 196 24.82 7.32 -18.80
CA SER A 196 26.17 6.85 -18.51
C SER A 196 26.17 5.83 -17.37
N GLN A 197 25.31 6.04 -16.38
CA GLN A 197 25.05 5.04 -15.35
C GLN A 197 23.74 4.34 -15.70
N SER A 198 23.82 3.03 -15.93
CA SER A 198 22.64 2.33 -16.43
C SER A 198 21.58 2.25 -15.33
N ILE A 199 20.33 2.22 -15.76
CA ILE A 199 19.18 2.11 -14.87
C ILE A 199 18.33 0.95 -15.34
N THR A 200 18.02 0.04 -14.43
CA THR A 200 17.34 -1.19 -14.78
C THR A 200 16.21 -1.42 -13.79
N CYS A 201 15.03 -1.72 -14.30
CA CYS A 201 13.88 -2.11 -13.50
CA CYS A 201 13.93 -2.10 -13.42
C CYS A 201 13.88 -3.62 -13.32
N ASN A 202 13.75 -4.09 -12.08
CA ASN A 202 13.69 -5.52 -11.77
C ASN A 202 12.29 -5.84 -11.29
N VAL A 203 11.66 -6.85 -11.89
CA VAL A 203 10.29 -7.23 -11.55
C VAL A 203 10.25 -8.70 -11.18
N ALA A 204 9.66 -9.00 -10.02
CA ALA A 204 9.50 -10.38 -9.54
C ALA A 204 8.03 -10.67 -9.33
N HIS A 205 7.56 -11.79 -9.89
CA HIS A 205 6.18 -12.25 -9.71
C HIS A 205 6.24 -13.72 -9.35
N PRO A 206 6.39 -14.04 -8.05
CA PRO A 206 6.55 -15.44 -7.64
C PRO A 206 5.42 -16.35 -8.10
N ALA A 207 4.18 -15.85 -8.18
CA ALA A 207 3.05 -16.71 -8.54
C ALA A 207 3.20 -17.30 -9.94
N SER A 208 3.90 -16.61 -10.83
CA SER A 208 4.20 -17.16 -12.15
C SER A 208 5.68 -17.50 -12.32
N SER A 209 6.45 -17.50 -11.23
CA SER A 209 7.92 -17.62 -11.25
C SER A 209 8.54 -16.78 -12.36
N THR A 210 8.15 -15.52 -12.40
CA THR A 210 8.69 -14.54 -13.32
C THR A 210 9.72 -13.70 -12.59
N LYS A 211 10.89 -13.56 -13.18
CA LYS A 211 11.93 -12.67 -12.66
C LYS A 211 12.56 -12.02 -13.89
N VAL A 212 12.35 -10.72 -14.04
CA VAL A 212 12.69 -10.01 -15.27
C VAL A 212 13.50 -8.77 -14.92
N ASP A 213 14.58 -8.55 -15.68
CA ASP A 213 15.33 -7.30 -15.64
C ASP A 213 15.11 -6.59 -16.97
N LYS A 214 14.76 -5.31 -16.92
CA LYS A 214 14.58 -4.52 -18.13
C LYS A 214 15.43 -3.26 -18.01
N LYS A 215 16.53 -3.21 -18.75
CA LYS A 215 17.36 -2.00 -18.79
C LYS A 215 16.63 -0.90 -19.56
N ILE A 216 16.71 0.33 -19.06
CA ILE A 216 16.09 1.48 -19.72
C ILE A 216 17.08 2.02 -20.74
N GLU A 217 16.67 2.04 -22.01
CA GLU A 217 17.63 2.51 -22.99
C GLU A 217 17.09 3.72 -23.72
N PRO A 218 17.96 4.64 -24.12
CA PRO A 218 17.49 5.89 -24.73
C PRO A 218 16.79 5.64 -26.06
N ARG A 219 15.75 6.42 -26.33
CA ARG A 219 15.15 6.49 -27.65
C ARG A 219 15.00 7.95 -28.07
N GLY A 220 15.91 8.79 -27.60
CA GLY A 220 15.95 10.19 -27.93
C GLY A 220 17.26 10.77 -27.46
N PRO A 221 17.51 12.04 -27.79
CA PRO A 221 18.78 12.68 -27.42
C PRO A 221 19.03 12.67 -25.93
N THR A 222 20.30 12.49 -25.57
CA THR A 222 20.72 12.47 -24.17
C THR A 222 21.87 13.45 -23.97
N SER B 1 -20.84 -8.84 20.30
CA SER B 1 -19.49 -8.31 20.24
C SER B 1 -19.46 -6.81 20.47
N ILE B 2 -18.46 -6.33 21.21
CA ILE B 2 -18.34 -4.92 21.52
C ILE B 2 -17.92 -4.16 20.26
N VAL B 3 -18.60 -3.04 20.00
CA VAL B 3 -18.30 -2.18 18.87
C VAL B 3 -17.48 -0.99 19.37
N MET B 4 -16.35 -0.72 18.72
CA MET B 4 -15.54 0.46 19.00
C MET B 4 -15.77 1.46 17.88
N THR B 5 -16.40 2.60 18.21
CA THR B 5 -16.76 3.61 17.21
C THR B 5 -15.74 4.73 17.26
N GLN B 6 -14.90 4.81 16.23
CA GLN B 6 -13.76 5.70 16.22
C GLN B 6 -14.03 6.90 15.31
N THR B 7 -13.79 8.09 15.83
CA THR B 7 -13.99 9.34 15.07
C THR B 7 -12.85 10.31 15.36
N PRO B 8 -12.53 11.18 14.39
CA PRO B 8 -13.03 11.23 13.01
C PRO B 8 -12.36 10.16 12.16
N LYS B 9 -12.90 9.87 10.97
CA LYS B 9 -12.26 8.89 10.11
C LYS B 9 -11.05 9.47 9.37
N PHE B 10 -10.99 10.80 9.24
CA PHE B 10 -9.91 11.47 8.53
C PHE B 10 -9.50 12.73 9.28
N LEU B 11 -8.20 13.03 9.27
CA LEU B 11 -7.67 14.24 9.89
C LEU B 11 -6.64 14.85 8.95
N LEU B 12 -6.74 16.16 8.73
CA LEU B 12 -5.75 16.93 7.98
C LEU B 12 -5.21 18.00 8.90
N VAL B 13 -3.93 17.89 9.27
CA VAL B 13 -3.36 18.76 10.28
C VAL B 13 -2.01 19.27 9.81
N SER B 14 -1.67 20.48 10.24
CA SER B 14 -0.34 21.03 10.01
C SER B 14 0.63 20.51 11.06
N ALA B 15 1.90 20.39 10.67
CA ALA B 15 2.92 19.99 11.63
C ALA B 15 2.96 20.99 12.77
N GLY B 16 3.13 20.48 13.99
CA GLY B 16 3.11 21.31 15.17
C GLY B 16 1.77 21.38 15.87
N ASP B 17 0.68 20.99 15.21
CA ASP B 17 -0.62 21.08 15.84
C ASP B 17 -0.90 19.86 16.72
N ARG B 18 -1.94 19.99 17.54
CA ARG B 18 -2.44 18.93 18.40
C ARG B 18 -3.65 18.26 17.74
N ILE B 19 -3.71 16.94 17.82
CA ILE B 19 -4.88 16.21 17.33
C ILE B 19 -5.41 15.33 18.45
N THR B 20 -6.72 15.08 18.42
CA THR B 20 -7.35 14.15 19.36
C THR B 20 -8.32 13.26 18.61
N ILE B 21 -8.16 11.96 18.78
CA ILE B 21 -9.03 10.94 18.21
C ILE B 21 -9.88 10.36 19.34
N THR B 22 -11.13 10.05 19.04
CA THR B 22 -12.07 9.52 20.04
C THR B 22 -12.52 8.11 19.67
N CYS B 23 -12.64 7.25 20.69
CA CYS B 23 -13.13 5.89 20.53
CA CYS B 23 -13.17 5.90 20.50
C CYS B 23 -14.22 5.69 21.57
N LYS B 24 -15.43 5.32 21.13
CA LYS B 24 -16.54 5.08 22.05
C LYS B 24 -16.96 3.61 21.97
N ALA B 25 -17.01 2.96 23.12
CA ALA B 25 -17.31 1.53 23.18
C ALA B 25 -18.79 1.31 23.43
N SER B 26 -19.35 0.29 22.79
CA SER B 26 -20.78 0.03 22.90
C SER B 26 -21.18 -0.46 24.29
N GLN B 27 -20.23 -0.94 25.09
CA GLN B 27 -20.46 -1.20 26.50
C GLN B 27 -19.14 -0.95 27.21
N SER B 28 -19.19 -0.94 28.54
CA SER B 28 -18.00 -0.60 29.32
C SER B 28 -16.90 -1.63 29.11
N VAL B 29 -15.66 -1.13 28.96
CA VAL B 29 -14.50 -2.01 28.78
C VAL B 29 -13.41 -1.67 29.78
N ARG B 30 -13.80 -1.14 30.95
CA ARG B 30 -12.86 -0.82 32.03
C ARG B 30 -11.79 0.12 31.47
N ASN B 31 -10.50 -0.17 31.68
CA ASN B 31 -9.40 0.53 31.04
C ASN B 31 -8.70 -0.35 30.00
N ASP B 32 -9.36 -1.38 29.49
CA ASP B 32 -8.76 -2.35 28.56
C ASP B 32 -8.80 -1.84 27.11
N VAL B 33 -8.12 -0.72 26.85
CA VAL B 33 -8.08 -0.14 25.50
C VAL B 33 -6.64 0.08 25.08
N ALA B 34 -6.34 -0.28 23.83
CA ALA B 34 -5.03 -0.09 23.24
C ALA B 34 -5.16 0.81 22.02
N TRP B 35 -4.09 1.53 21.69
CA TRP B 35 -4.03 2.35 20.48
C TRP B 35 -2.82 1.96 19.63
N TYR B 36 -3.02 1.87 18.32
CA TYR B 36 -1.99 1.42 17.41
C TYR B 36 -1.77 2.47 16.32
N GLN B 37 -0.58 2.44 15.75
CA GLN B 37 -0.20 3.30 14.64
C GLN B 37 0.31 2.44 13.50
N GLN B 38 -0.22 2.67 12.29
CA GLN B 38 0.16 1.88 11.13
C GLN B 38 0.55 2.85 10.02
N LYS B 39 1.85 3.00 9.83
CA LYS B 39 2.39 3.84 8.78
C LYS B 39 2.26 3.17 7.41
N PRO B 40 2.31 3.96 6.34
CA PRO B 40 2.17 3.38 5.00
C PRO B 40 3.21 2.31 4.74
N GLY B 41 2.74 1.14 4.28
CA GLY B 41 3.62 0.05 3.93
C GLY B 41 4.24 -0.70 5.09
N GLN B 42 3.85 -0.38 6.32
CA GLN B 42 4.39 -1.02 7.52
C GLN B 42 3.29 -1.69 8.32
N SER B 43 3.71 -2.57 9.22
CA SER B 43 2.78 -3.20 10.15
C SER B 43 2.42 -2.27 11.31
N PRO B 44 1.30 -2.52 11.98
CA PRO B 44 0.94 -1.69 13.15
C PRO B 44 1.98 -1.79 14.26
N LYS B 45 2.11 -0.70 15.00
CA LYS B 45 2.90 -0.65 16.22
C LYS B 45 2.03 -0.21 17.39
N LEU B 46 2.26 -0.84 18.56
CA LEU B 46 1.50 -0.53 19.77
C LEU B 46 2.02 0.77 20.39
N LEU B 47 1.14 1.75 20.59
CA LEU B 47 1.51 3.01 21.23
C LEU B 47 1.03 3.14 22.66
N ILE B 48 -0.25 2.83 22.92
CA ILE B 48 -0.88 3.04 24.21
C ILE B 48 -1.54 1.73 24.63
N TYR B 49 -1.44 1.39 25.91
CA TYR B 49 -2.15 0.23 26.41
C TYR B 49 -2.65 0.53 27.82
N PHE B 50 -3.60 -0.28 28.28
CA PHE B 50 -4.37 0.00 29.49
C PHE B 50 -4.89 1.44 29.47
N ALA B 51 -5.40 1.85 28.30
CA ALA B 51 -6.06 3.13 28.04
C ALA B 51 -5.15 4.35 28.07
N SER B 52 -4.18 4.41 28.98
CA SER B 52 -3.46 5.65 29.18
C SER B 52 -1.96 5.47 29.44
N ASN B 53 -1.41 4.27 29.27
CA ASN B 53 0.01 4.03 29.50
C ASN B 53 0.74 3.97 28.16
N ARG B 54 1.85 4.70 28.05
CA ARG B 54 2.70 4.58 26.87
C ARG B 54 3.44 3.25 26.88
N TYR B 55 3.43 2.56 25.75
CA TYR B 55 4.21 1.35 25.63
C TYR B 55 5.71 1.69 25.60
N THR B 56 6.53 0.67 25.87
CA THR B 56 7.97 0.89 25.98
C THR B 56 8.51 1.61 24.74
N GLY B 57 9.21 2.73 24.99
CA GLY B 57 9.89 3.45 23.93
C GLY B 57 9.01 4.38 23.11
N VAL B 58 7.74 4.52 23.45
CA VAL B 58 6.85 5.44 22.71
C VAL B 58 7.14 6.86 23.16
N PRO B 59 7.29 7.82 22.24
CA PRO B 59 7.66 9.18 22.62
C PRO B 59 6.55 9.90 23.38
N ASP B 60 6.96 10.96 24.08
CA ASP B 60 6.07 11.67 25.00
C ASP B 60 4.86 12.29 24.31
N ARG B 61 4.97 12.67 23.03
CA ARG B 61 3.87 13.38 22.40
C ARG B 61 2.61 12.53 22.23
N PHE B 62 2.71 11.21 22.40
CA PHE B 62 1.56 10.32 22.34
C PHE B 62 1.02 10.06 23.73
N THR B 63 -0.28 10.29 23.93
CA THR B 63 -0.94 9.95 25.19
C THR B 63 -2.34 9.42 24.91
N GLY B 64 -2.90 8.71 25.88
CA GLY B 64 -4.28 8.30 25.81
C GLY B 64 -4.96 8.53 27.14
N SER B 65 -6.29 8.64 27.10
CA SER B 65 -7.04 8.79 28.34
C SER B 65 -8.45 8.23 28.18
N GLY B 66 -9.06 7.88 29.30
CA GLY B 66 -10.44 7.43 29.30
C GLY B 66 -10.66 6.21 30.19
N SER B 67 -11.92 5.84 30.34
CA SER B 67 -12.33 4.69 31.12
C SER B 67 -13.78 4.40 30.74
N GLY B 68 -14.19 3.15 30.92
CA GLY B 68 -15.59 2.81 30.74
C GLY B 68 -15.94 2.70 29.27
N THR B 69 -16.60 3.72 28.71
CA THR B 69 -16.96 3.70 27.29
C THR B 69 -16.29 4.79 26.47
N ASP B 70 -15.65 5.78 27.09
CA ASP B 70 -15.17 6.95 26.36
C ASP B 70 -13.65 7.02 26.45
N PHE B 71 -12.99 7.02 25.29
CA PHE B 71 -11.53 6.98 25.23
C PHE B 71 -11.04 7.98 24.20
N THR B 72 -9.89 8.61 24.48
CA THR B 72 -9.26 9.50 23.51
C THR B 72 -7.79 9.18 23.38
N PHE B 73 -7.23 9.57 22.22
CA PHE B 73 -5.82 9.44 21.92
C PHE B 73 -5.36 10.79 21.39
N THR B 74 -4.23 11.29 21.86
CA THR B 74 -3.79 12.64 21.52
C THR B 74 -2.34 12.62 21.05
N ILE B 75 -2.04 13.38 19.98
CA ILE B 75 -0.68 13.75 19.64
C ILE B 75 -0.54 15.23 19.96
N SER B 76 0.32 15.54 20.94
CA SER B 76 0.40 16.91 21.42
C SER B 76 0.96 17.84 20.35
N THR B 77 2.01 17.43 19.65
CA THR B 77 2.59 18.20 18.55
C THR B 77 2.88 17.25 17.41
N VAL B 78 2.05 17.31 16.36
CA VAL B 78 2.17 16.39 15.24
C VAL B 78 3.45 16.67 14.46
N GLN B 79 4.14 15.61 14.08
CA GLN B 79 5.30 15.68 13.22
C GLN B 79 4.99 15.01 11.89
N ALA B 80 5.72 15.41 10.84
CA ALA B 80 5.46 14.87 9.51
C ALA B 80 5.57 13.36 9.49
N GLU B 81 6.53 12.81 10.25
CA GLU B 81 6.68 11.36 10.33
C GLU B 81 5.50 10.67 11.01
N ASP B 82 4.55 11.42 11.60
CA ASP B 82 3.40 10.80 12.23
C ASP B 82 2.28 10.46 11.26
N LEU B 83 2.45 10.77 9.98
CA LEU B 83 1.52 10.32 8.96
C LEU B 83 1.32 8.81 9.05
N ALA B 84 0.07 8.39 9.22
CA ALA B 84 -0.26 7.01 9.58
C ALA B 84 -1.77 6.89 9.72
N VAL B 85 -2.23 5.63 9.78
CA VAL B 85 -3.58 5.33 10.25
C VAL B 85 -3.46 4.91 11.72
N TYR B 86 -4.29 5.50 12.56
CA TYR B 86 -4.32 5.20 13.99
C TYR B 86 -5.62 4.46 14.31
N PHE B 87 -5.55 3.43 15.16
CA PHE B 87 -6.79 2.75 15.50
C PHE B 87 -6.75 2.24 16.94
N CYS B 88 -7.91 2.22 17.56
CA CYS B 88 -8.09 1.70 18.91
C CYS B 88 -8.49 0.23 18.87
N GLN B 89 -8.48 -0.39 20.05
CA GLN B 89 -8.90 -1.77 20.24
C GLN B 89 -9.31 -1.93 21.69
N GLN B 90 -10.40 -2.67 21.94
CA GLN B 90 -10.71 -3.06 23.31
C GLN B 90 -10.24 -4.49 23.53
N GLY B 91 -9.65 -4.74 24.70
CA GLY B 91 -9.17 -6.06 25.03
C GLY B 91 -9.87 -6.63 26.26
N TYR B 92 -11.04 -6.07 26.59
CA TYR B 92 -11.76 -6.50 27.78
C TYR B 92 -12.37 -7.89 27.57
N THR B 93 -12.99 -8.12 26.42
CA THR B 93 -13.61 -9.40 26.13
C THR B 93 -13.35 -9.78 24.68
N SER B 94 -13.49 -11.07 24.39
CA SER B 94 -13.32 -11.57 23.03
C SER B 94 -14.65 -11.53 22.27
N PRO B 95 -14.64 -11.15 20.99
CA PRO B 95 -13.47 -10.78 20.17
C PRO B 95 -12.91 -9.41 20.57
N ARG B 96 -11.59 -9.26 20.52
CA ARG B 96 -10.91 -8.04 20.90
C ARG B 96 -10.94 -7.08 19.72
N THR B 97 -12.05 -6.36 19.61
CA THR B 97 -12.42 -5.67 18.39
C THR B 97 -11.68 -4.34 18.22
N PHE B 98 -11.39 -4.01 16.96
CA PHE B 98 -10.69 -2.79 16.60
C PHE B 98 -11.66 -1.66 16.25
N GLY B 99 -11.24 -0.43 16.50
CA GLY B 99 -11.91 0.71 15.91
C GLY B 99 -11.63 0.77 14.41
N GLY B 100 -12.42 1.60 13.72
CA GLY B 100 -12.34 1.68 12.27
C GLY B 100 -11.16 2.46 11.72
N GLY B 101 -10.39 3.12 12.56
CA GLY B 101 -9.20 3.83 12.14
C GLY B 101 -9.44 5.29 11.84
N THR B 102 -8.37 6.07 11.93
CA THR B 102 -8.33 7.48 11.56
C THR B 102 -7.09 7.68 10.69
N LYS B 103 -7.30 8.23 9.49
CA LYS B 103 -6.17 8.51 8.60
C LYS B 103 -5.70 9.93 8.84
N LEU B 104 -4.43 10.07 9.25
CA LEU B 104 -3.84 11.37 9.55
C LEU B 104 -3.00 11.81 8.36
N GLU B 105 -3.40 12.90 7.72
CA GLU B 105 -2.67 13.53 6.62
C GLU B 105 -2.05 14.83 7.09
N ILE B 106 -0.93 15.20 6.45
CA ILE B 106 -0.12 16.34 6.89
C ILE B 106 -0.30 17.48 5.89
N LYS B 107 -0.52 18.69 6.40
CA LYS B 107 -0.62 19.87 5.56
C LYS B 107 0.78 20.42 5.25
N ARG B 108 0.99 20.85 4.01
CA ARG B 108 2.27 21.44 3.64
C ARG B 108 2.03 22.51 2.59
N ALA B 109 3.11 23.18 2.20
CA ALA B 109 3.01 24.21 1.17
C ALA B 109 2.61 23.61 -0.17
N ASP B 110 1.92 24.40 -0.98
CA ASP B 110 1.51 23.97 -2.31
C ASP B 110 2.72 23.58 -3.14
N ALA B 111 2.53 22.59 -4.01
CA ALA B 111 3.59 22.16 -4.92
C ALA B 111 2.96 21.70 -6.23
N ALA B 112 3.40 22.28 -7.35
CA ALA B 112 2.88 21.86 -8.64
C ALA B 112 3.45 20.50 -9.04
N PRO B 113 2.69 19.68 -9.74
CA PRO B 113 3.20 18.37 -10.16
C PRO B 113 4.29 18.50 -11.20
N THR B 114 5.20 17.53 -11.18
CA THR B 114 6.19 17.36 -12.24
C THR B 114 5.68 16.28 -13.19
N VAL B 115 5.41 16.67 -14.44
CA VAL B 115 4.65 15.85 -15.37
C VAL B 115 5.58 15.33 -16.45
N SER B 116 5.50 14.03 -16.73
CA SER B 116 6.31 13.39 -17.76
C SER B 116 5.44 12.43 -18.56
N ILE B 117 5.58 12.44 -19.88
CA ILE B 117 4.78 11.58 -20.74
C ILE B 117 5.71 10.60 -21.47
N PHE B 118 5.21 9.39 -21.69
CA PHE B 118 5.98 8.32 -22.33
C PHE B 118 5.17 7.60 -23.40
N PRO B 119 5.64 7.55 -24.64
CA PRO B 119 4.97 6.76 -25.67
C PRO B 119 5.06 5.28 -25.36
N PRO B 120 4.25 4.45 -26.01
CA PRO B 120 4.36 2.99 -25.82
C PRO B 120 5.76 2.49 -26.12
N SER B 121 6.19 1.50 -25.35
CA SER B 121 7.47 0.86 -25.63
C SER B 121 7.36 -0.01 -26.88
N SER B 122 8.46 -0.11 -27.62
CA SER B 122 8.42 -0.95 -28.81
C SER B 122 8.18 -2.41 -28.45
N GLU B 123 8.60 -2.84 -27.26
CA GLU B 123 8.33 -4.20 -26.83
CA GLU B 123 8.33 -4.19 -26.80
C GLU B 123 6.83 -4.46 -26.72
N GLN B 124 6.08 -3.51 -26.15
CA GLN B 124 4.63 -3.69 -26.08
C GLN B 124 4.00 -3.64 -27.47
N LEU B 125 4.45 -2.73 -28.33
CA LEU B 125 3.85 -2.63 -29.66
C LEU B 125 4.00 -3.93 -30.43
N THR B 126 5.12 -4.63 -30.25
CA THR B 126 5.31 -5.93 -30.88
C THR B 126 4.18 -6.90 -30.52
N SER B 127 3.68 -6.82 -29.28
CA SER B 127 2.66 -7.76 -28.82
C SER B 127 1.24 -7.28 -29.12
N GLY B 128 1.09 -6.14 -29.79
CA GLY B 128 -0.21 -5.69 -30.24
C GLY B 128 -0.91 -4.68 -29.36
N GLY B 129 -0.33 -4.31 -28.22
CA GLY B 129 -0.91 -3.32 -27.33
C GLY B 129 -0.10 -2.02 -27.36
N ALA B 130 -0.71 -0.96 -26.83
CA ALA B 130 -0.06 0.35 -26.85
C ALA B 130 -0.54 1.14 -25.63
N SER B 131 0.32 1.24 -24.61
CA SER B 131 0.02 2.03 -23.41
C SER B 131 0.84 3.30 -23.43
N VAL B 132 0.16 4.44 -23.25
CA VAL B 132 0.80 5.73 -23.05
C VAL B 132 0.74 6.07 -21.56
N VAL B 133 1.87 6.48 -20.99
CA VAL B 133 1.98 6.67 -19.54
C VAL B 133 2.32 8.12 -19.24
N CYS B 134 1.62 8.70 -18.26
CA CYS B 134 1.87 10.03 -17.74
CA CYS B 134 1.93 10.02 -17.75
C CYS B 134 2.09 9.93 -16.23
N PHE B 135 3.24 10.40 -15.75
CA PHE B 135 3.49 10.48 -14.32
C PHE B 135 3.32 11.94 -13.89
N LEU B 136 2.64 12.13 -12.76
CA LEU B 136 2.43 13.47 -12.20
C LEU B 136 2.93 13.41 -10.76
N ASN B 137 4.12 13.96 -10.53
CA ASN B 137 4.89 13.59 -9.33
C ASN B 137 5.11 14.76 -8.38
N ASN B 138 5.00 14.46 -7.09
CA ASN B 138 5.40 15.32 -5.97
C ASN B 138 4.60 16.62 -5.95
N PHE B 139 3.28 16.49 -5.86
CA PHE B 139 2.40 17.64 -5.84
C PHE B 139 1.63 17.70 -4.52
N TYR B 140 1.12 18.89 -4.23
CA TYR B 140 0.26 19.13 -3.07
C TYR B 140 -0.56 20.40 -3.33
N PRO B 141 -1.87 20.37 -3.01
CA PRO B 141 -2.66 19.33 -2.37
C PRO B 141 -3.00 18.15 -3.29
N LYS B 142 -3.73 17.16 -2.76
CA LYS B 142 -3.89 15.89 -3.46
C LYS B 142 -4.88 15.96 -4.62
N ASP B 143 -5.78 16.95 -4.64
CA ASP B 143 -6.82 16.97 -5.66
CA ASP B 143 -6.83 17.02 -5.65
C ASP B 143 -6.22 17.44 -6.98
N ILE B 144 -6.37 16.60 -7.99
CA ILE B 144 -5.74 16.84 -9.29
C ILE B 144 -6.57 16.14 -10.35
N ASN B 145 -6.63 16.72 -11.53
CA ASN B 145 -7.39 16.12 -12.61
C ASN B 145 -6.49 15.94 -13.82
N VAL B 146 -6.58 14.77 -14.44
CA VAL B 146 -5.80 14.46 -15.64
C VAL B 146 -6.76 14.16 -16.78
N LYS B 147 -6.51 14.76 -17.93
CA LYS B 147 -7.29 14.55 -19.13
CA LYS B 147 -7.29 14.57 -19.13
C LYS B 147 -6.36 14.08 -20.24
N TRP B 148 -6.77 13.04 -20.96
CA TRP B 148 -6.02 12.56 -22.12
C TRP B 148 -6.67 13.11 -23.38
N LYS B 149 -5.84 13.55 -24.33
CA LYS B 149 -6.36 13.94 -25.63
C LYS B 149 -5.59 13.22 -26.72
N ILE B 150 -6.32 12.79 -27.76
CA ILE B 150 -5.75 12.14 -28.92
C ILE B 150 -6.12 12.99 -30.13
N ASP B 151 -5.12 13.53 -30.80
CA ASP B 151 -5.35 14.49 -31.88
C ASP B 151 -6.35 15.56 -31.45
N GLY B 152 -6.23 16.00 -30.19
CA GLY B 152 -7.05 17.08 -29.67
C GLY B 152 -8.39 16.67 -29.08
N SER B 153 -8.78 15.40 -29.18
CA SER B 153 -10.08 14.95 -28.70
C SER B 153 -9.91 14.19 -27.39
N GLU B 154 -10.74 14.52 -26.41
CA GLU B 154 -10.63 13.91 -25.10
C GLU B 154 -10.92 12.42 -25.18
N ARG B 155 -10.12 11.63 -24.49
CA ARG B 155 -10.23 10.18 -24.44
C ARG B 155 -10.38 9.74 -22.99
N GLN B 156 -11.48 9.06 -22.67
CA GLN B 156 -11.67 8.57 -21.31
C GLN B 156 -11.57 7.05 -21.19
N ASN B 157 -12.11 6.32 -22.16
CA ASN B 157 -12.04 4.87 -22.15
C ASN B 157 -10.59 4.40 -22.21
N GLY B 158 -10.25 3.41 -21.39
CA GLY B 158 -8.91 2.85 -21.38
C GLY B 158 -7.90 3.52 -20.46
N VAL B 159 -8.34 4.44 -19.60
CA VAL B 159 -7.45 5.17 -18.71
C VAL B 159 -7.48 4.51 -17.34
N LEU B 160 -6.31 4.22 -16.79
CA LEU B 160 -6.18 3.62 -15.46
C LEU B 160 -5.25 4.49 -14.62
N ASN B 161 -5.73 4.97 -13.48
CA ASN B 161 -4.97 5.87 -12.63
C ASN B 161 -4.61 5.21 -11.31
N SER B 162 -3.44 5.56 -10.78
CA SER B 162 -3.02 5.08 -9.46
C SER B 162 -2.36 6.22 -8.70
N TRP B 163 -2.58 6.24 -7.39
CA TRP B 163 -2.07 7.31 -6.53
C TRP B 163 -1.26 6.73 -5.40
N THR B 164 -0.10 7.34 -5.13
CA THR B 164 0.66 6.98 -3.96
C THR B 164 0.00 7.54 -2.70
N ASP B 165 0.29 6.90 -1.57
CA ASP B 165 -0.01 7.51 -0.30
C ASP B 165 0.87 8.74 -0.11
N GLN B 166 0.43 9.64 0.75
CA GLN B 166 1.23 10.81 1.06
C GLN B 166 2.60 10.37 1.53
N ASP B 167 3.63 11.03 1.01
CA ASP B 167 5.00 10.65 1.33
C ASP B 167 5.36 11.13 2.72
N SER B 168 5.93 10.24 3.56
CA SER B 168 6.27 10.68 4.91
C SER B 168 7.44 11.65 4.93
N LYS B 169 8.27 11.67 3.88
CA LYS B 169 9.47 12.50 3.87
C LYS B 169 9.22 13.91 3.35
N ASP B 170 8.46 14.09 2.26
CA ASP B 170 8.18 15.43 1.76
C ASP B 170 6.70 15.80 1.79
N SER B 171 5.84 14.91 2.29
CA SER B 171 4.41 15.17 2.45
C SER B 171 3.69 15.46 1.14
N THR B 172 4.25 15.05 0.01
CA THR B 172 3.60 15.23 -1.29
C THR B 172 2.87 13.96 -1.71
N TYR B 173 2.10 14.11 -2.79
CA TYR B 173 1.43 13.02 -3.47
C TYR B 173 2.00 12.87 -4.88
N SER B 174 1.85 11.66 -5.43
CA SER B 174 2.18 11.43 -6.83
C SER B 174 1.09 10.57 -7.45
N MET B 175 1.04 10.59 -8.78
CA MET B 175 -0.03 9.92 -9.51
C MET B 175 0.52 9.38 -10.81
N SER B 176 -0.04 8.26 -11.26
CA SER B 176 0.31 7.66 -12.53
C SER B 176 -0.96 7.44 -13.35
N SER B 177 -0.91 7.80 -14.65
CA SER B 177 -2.07 7.63 -15.51
C SER B 177 -1.65 6.88 -16.77
N THR B 178 -2.35 5.80 -17.08
CA THR B 178 -1.98 4.92 -18.19
C THR B 178 -3.16 4.79 -19.15
N LEU B 179 -2.98 5.23 -20.39
CA LEU B 179 -3.99 5.09 -21.43
C LEU B 179 -3.60 3.91 -22.32
N THR B 180 -4.44 2.87 -22.35
CA THR B 180 -4.09 1.67 -23.11
C THR B 180 -5.02 1.53 -24.32
N LEU B 181 -4.43 1.48 -25.50
CA LEU B 181 -5.11 1.23 -26.77
C LEU B 181 -4.57 -0.04 -27.41
N THR B 182 -5.21 -0.46 -28.48
CA THR B 182 -4.56 -1.43 -29.36
C THR B 182 -3.50 -0.72 -30.21
N LYS B 183 -2.52 -1.51 -30.67
CA LYS B 183 -1.53 -0.94 -31.57
C LYS B 183 -2.20 -0.32 -32.79
N ASP B 184 -3.25 -0.97 -33.30
CA ASP B 184 -3.91 -0.45 -34.50
C ASP B 184 -4.55 0.91 -34.24
N GLU B 185 -5.26 1.06 -33.12
CA GLU B 185 -5.86 2.36 -32.83
C GLU B 185 -4.78 3.41 -32.56
N TYR B 186 -3.72 3.01 -31.86
CA TYR B 186 -2.64 3.93 -31.55
C TYR B 186 -2.03 4.52 -32.81
N GLU B 187 -1.83 3.69 -33.84
CA GLU B 187 -1.20 4.13 -35.07
C GLU B 187 -2.14 4.90 -35.98
N ARG B 188 -3.42 4.97 -35.65
CA ARG B 188 -4.41 5.74 -36.40
C ARG B 188 -4.37 7.24 -36.07
N HIS B 189 -3.59 7.63 -35.06
CA HIS B 189 -3.52 9.02 -34.63
C HIS B 189 -2.08 9.37 -34.33
N ASN B 190 -1.77 10.67 -34.36
CA ASN B 190 -0.39 11.11 -34.24
C ASN B 190 -0.06 11.86 -32.96
N SER B 191 -0.99 12.64 -32.41
CA SER B 191 -0.73 13.50 -31.26
C SER B 191 -1.37 12.93 -30.00
N TYR B 192 -0.56 12.74 -28.94
CA TYR B 192 -1.04 12.26 -27.65
C TYR B 192 -0.65 13.27 -26.59
N THR B 193 -1.61 13.63 -25.74
CA THR B 193 -1.43 14.68 -24.75
C THR B 193 -2.01 14.26 -23.41
N CYS B 194 -1.28 14.55 -22.33
CA CYS B 194 -1.77 14.45 -20.96
CA CYS B 194 -1.88 14.49 -21.00
C CYS B 194 -1.80 15.87 -20.39
N GLU B 195 -2.96 16.31 -19.89
CA GLU B 195 -3.14 17.66 -19.35
C GLU B 195 -3.52 17.54 -17.89
N ALA B 196 -2.77 18.24 -17.03
CA ALA B 196 -2.99 18.19 -15.59
C ALA B 196 -3.57 19.50 -15.10
N THR B 197 -4.68 19.44 -14.37
CA THR B 197 -5.27 20.61 -13.76
C THR B 197 -5.13 20.49 -12.25
N HIS B 198 -4.56 21.51 -11.62
CA HIS B 198 -4.21 21.50 -10.21
C HIS B 198 -4.26 22.92 -9.68
N LYS B 199 -4.55 23.08 -8.39
CA LYS B 199 -4.84 24.41 -7.86
C LYS B 199 -3.64 25.35 -7.95
N THR B 200 -2.43 24.83 -8.14
CA THR B 200 -1.24 25.68 -8.16
C THR B 200 -1.17 26.56 -9.39
N SER B 201 -1.80 26.17 -10.50
CA SER B 201 -1.71 26.98 -11.71
C SER B 201 -3.10 27.23 -12.29
N THR B 202 -3.27 28.43 -12.86
CA THR B 202 -4.53 28.73 -13.51
C THR B 202 -4.68 27.96 -14.81
N SER B 203 -3.63 27.71 -15.43
CA SER B 203 -3.42 27.04 -16.70
C SER B 203 -3.09 25.57 -16.48
N PRO B 204 -3.62 24.68 -17.31
CA PRO B 204 -3.22 23.27 -17.19
C PRO B 204 -1.77 23.07 -17.61
N ILE B 205 -1.14 22.09 -16.96
CA ILE B 205 0.17 21.61 -17.38
C ILE B 205 -0.04 20.61 -18.51
N VAL B 206 0.62 20.85 -19.65
CA VAL B 206 0.36 20.07 -20.86
C VAL B 206 1.66 19.40 -21.28
N LYS B 207 1.65 18.07 -21.36
CA LYS B 207 2.77 17.29 -21.85
C LYS B 207 2.28 16.49 -23.05
N SER B 208 3.03 16.50 -24.14
CA SER B 208 2.54 15.92 -25.37
CA SER B 208 2.54 15.92 -25.37
C SER B 208 3.69 15.34 -26.18
N PHE B 209 3.36 14.42 -27.08
CA PHE B 209 4.30 13.97 -28.10
C PHE B 209 3.54 13.66 -29.37
N ASN B 210 4.26 13.64 -30.48
CA ASN B 210 3.74 13.21 -31.77
C ASN B 210 4.48 11.94 -32.18
N ARG B 211 3.74 10.93 -32.64
CA ARG B 211 4.39 9.67 -33.06
C ARG B 211 5.49 9.89 -34.07
N ASN B 212 5.36 10.91 -34.91
CA ASN B 212 6.23 11.08 -36.07
C ASN B 212 7.17 12.27 -35.98
N GLU B 213 7.02 13.14 -34.99
CA GLU B 213 7.71 14.42 -35.01
C GLU B 213 8.32 14.71 -33.65
N CYS B 214 9.40 15.50 -33.66
CA CYS B 214 9.98 16.04 -32.45
C CYS B 214 10.05 17.55 -32.52
C1 NAG C . -3.48 -27.63 7.37
C2 NAG C . -3.54 -28.70 6.28
C3 NAG C . -4.36 -29.90 6.75
C4 NAG C . -3.88 -30.41 8.10
C5 NAG C . -3.80 -29.25 9.09
C6 NAG C . -3.17 -29.66 10.40
C7 NAG C . -3.35 -27.60 4.08
C8 NAG C . -4.11 -27.08 2.90
N2 NAG C . -4.10 -28.14 5.06
O3 NAG C . -4.22 -30.94 5.77
O4 NAG C . -4.83 -31.33 8.63
O5 NAG C . -2.98 -28.19 8.56
O6 NAG C . -1.90 -30.24 10.18
O7 NAG C . -2.13 -27.56 4.15
C1 NAG C . -4.46 -32.71 8.44
C2 NAG C . -5.35 -33.50 9.39
C3 NAG C . -5.11 -34.99 9.21
C4 NAG C . -5.29 -35.39 7.75
C5 NAG C . -4.45 -34.50 6.83
C6 NAG C . -4.78 -34.71 5.38
C7 NAG C . -5.91 -32.24 11.42
C8 NAG C . -5.54 -31.97 12.85
N2 NAG C . -5.12 -33.10 10.77
O3 NAG C . -6.07 -35.69 10.00
O4 NAG C . -4.83 -36.73 7.58
O5 NAG C . -4.72 -33.11 7.11
O6 NAG C . -3.86 -34.02 4.54
O7 NAG C . -6.87 -31.72 10.89
C1 BMA C . -5.93 -37.61 7.35
C2 BMA C . -5.38 -38.76 6.51
C3 BMA C . -6.46 -39.85 6.35
C4 BMA C . -7.03 -40.25 7.70
C5 BMA C . -7.55 -39.01 8.41
C6 BMA C . -8.09 -39.28 9.79
O2 BMA C . -4.27 -39.35 7.17
O3 BMA C . -5.94 -41.01 5.70
O4 BMA C . -8.10 -41.14 7.51
O5 BMA C . -6.45 -38.08 8.56
O6 BMA C . -8.44 -38.03 10.30
C1 MAN C . -6.51 -41.17 4.39
C2 MAN C . -6.12 -42.56 3.84
C3 MAN C . -4.64 -42.55 3.49
C4 MAN C . -4.37 -41.44 2.48
C5 MAN C . -4.78 -40.10 3.05
C6 MAN C . -4.66 -38.97 2.03
O2 MAN C . -6.76 -42.79 2.60
O3 MAN C . -4.24 -43.81 2.96
O4 MAN C . -2.98 -41.41 2.14
O5 MAN C . -6.17 -40.14 3.50
O6 MAN C . -4.79 -37.73 2.72
C1 NAG C . -8.04 -43.39 2.84
C2 NAG C . -9.04 -42.86 1.82
C3 NAG C . -10.41 -43.49 2.05
C4 NAG C . -10.31 -45.01 2.12
C5 NAG C . -9.21 -45.44 3.10
C6 NAG C . -8.94 -46.93 3.06
C7 NAG C . -8.44 -40.59 1.05
C8 NAG C . -8.67 -39.13 1.25
N2 NAG C . -9.12 -41.41 1.87
O3 NAG C . -11.29 -43.10 1.00
O4 NAG C . -11.53 -45.53 2.62
O5 NAG C . -7.98 -44.80 2.76
O6 NAG C . -8.32 -47.37 4.26
O7 NAG C . -7.67 -41.02 0.20
C1 GAL C . -12.38 -46.07 1.58
C2 GAL C . -13.41 -46.98 2.27
C3 GAL C . -14.41 -47.54 1.27
C4 GAL C . -15.11 -46.38 0.56
C5 GAL C . -14.06 -45.47 -0.09
C6 GAL C . -14.64 -44.18 -0.70
O2 GAL C . -12.81 -48.09 2.94
O3 GAL C . -15.42 -48.30 1.93
O4 GAL C . -15.88 -45.63 1.48
O5 GAL C . -13.03 -45.04 0.84
O6 GAL C . -13.64 -43.38 -1.31
C1 MAN C . -9.26 -38.17 11.47
C2 MAN C . -9.98 -36.84 11.68
C3 MAN C . -8.96 -35.76 12.00
C4 MAN C . -8.03 -36.19 13.16
C5 MAN C . -7.42 -37.58 12.87
C6 MAN C . -6.63 -38.14 14.02
O2 MAN C . -10.85 -36.89 12.83
O3 MAN C . -9.57 -34.51 12.30
O4 MAN C . -6.98 -35.26 13.32
O5 MAN C . -8.48 -38.51 12.57
O6 MAN C . -7.49 -38.17 15.14
C1 NAG C . -12.17 -37.26 12.39
C2 NAG C . -12.98 -37.70 13.62
C3 NAG C . -14.37 -38.14 13.19
C4 NAG C . -15.05 -37.03 12.41
C5 NAG C . -14.18 -36.57 11.25
C6 NAG C . -14.73 -35.36 10.53
C7 NAG C . -11.49 -38.55 15.38
C8 NAG C . -10.86 -39.77 15.99
N2 NAG C . -12.29 -38.78 14.32
O3 NAG C . -15.14 -38.46 14.35
O4 NAG C . -16.31 -37.48 11.92
O5 NAG C . -12.87 -36.20 11.73
O6 NAG C . -13.91 -34.22 10.73
O7 NAG C . -11.29 -37.43 15.81
C1 FUC C . -1.05 -30.02 11.32
C2 FUC C . 0.22 -30.80 11.07
C3 FUC C . 0.97 -30.21 9.88
C4 FUC C . 1.22 -28.72 10.10
C5 FUC C . -0.10 -28.02 10.40
C6 FUC C . 0.04 -26.54 10.72
O2 FUC C . -0.02 -32.17 10.83
O3 FUC C . 2.23 -30.86 9.75
O4 FUC C . 2.12 -28.53 11.18
O5 FUC C . -0.80 -28.66 11.52
CL CL D . -12.11 -6.48 14.88
#